data_8JGQ
#
_entry.id   8JGQ
#
_cell.length_a   166.710
_cell.length_b   166.710
_cell.length_c   39.300
_cell.angle_alpha   90.00
_cell.angle_beta   90.00
_cell.angle_gamma   120.00
#
_symmetry.space_group_name_H-M   'P 61'
#
loop_
_entity.id
_entity.type
_entity.pdbx_description
1 polymer Exopolyphosphatase
2 non-polymer 'bis[oxidanyl(phosphonooxy)phosphoryl] hydrogen phosphate'
3 non-polymer 'SULFATE ION'
4 non-polymer 'MAGNESIUM ION'
5 water water
#
_entity_poly.entity_id   1
_entity_poly.type   'polypeptide(L)'
_entity_poly.pdbx_seq_one_letter_code
;MGSSHHHHHHSSGLVPRGSHMRVAVADVGTNSSHLLIAEALPGDAGGFRVIDTLKDRTRLGECLDTRGELTPEGEERLAS
ALTRFRELAASAGAGDVRVYATSALREAPNGAEVAERVRQRTGLYPAVISGVREGELTYLGVREAVELGPDNVLLDLGGG
SLEFVRGAEERAADVLSLPLGAIRMTRAFPEGDGKNAGRDVADAVARQVRELLRPHAGRFAARPGTQFFLSSGTAEAAAD
AIAQRRGGRPAEAAGGVNGERFTLTELADLLAHVARLRPAQRARVPGLERRGDTILAALSVLHAALDALGAREVTVSEGA
LREGMLIEELAQVQTFSLALSTRQRSVLATAGRFGVNLSHAGQVAELSRELFDRLLAAGETFPPPARSLLTAAAVLHEAG
QIVSQSSHHKHGAYLIRHAGLRGFGPQDIELIAQIARYHRKSLPKPSHPDYVALAPADRALVARLAGILRVADGLDRAHT
GLARVDDLRRQGQGWQLRVSGVTPLDLAGVGEKGDLWAREFGPLSVQNAAEAKAT
;
_entity_poly.pdbx_strand_id   A
#
loop_
_chem_comp.id
_chem_comp.type
_chem_comp.name
_chem_comp.formula
MG non-polymer 'MAGNESIUM ION' 'Mg 2'
SO4 non-polymer 'SULFATE ION' 'O4 S -2'
UG3 non-polymer 'bis[oxidanyl(phosphonooxy)phosphoryl] hydrogen phosphate' 'H7 O16 P5'
#
# COMPACT_ATOMS: atom_id res chain seq x y z
N SER A 19 -7.00 -21.75 10.77
CA SER A 19 -6.21 -22.51 9.81
C SER A 19 -5.02 -21.69 9.33
N HIS A 20 -5.08 -21.23 8.09
CA HIS A 20 -4.03 -20.40 7.52
C HIS A 20 -4.42 -18.93 7.61
N MET A 21 -3.41 -18.07 7.47
CA MET A 21 -3.57 -16.64 7.76
C MET A 21 -4.44 -15.96 6.71
N ARG A 22 -5.44 -15.19 7.17
CA ARG A 22 -6.31 -14.40 6.29
C ARG A 22 -5.91 -12.94 6.39
N VAL A 23 -5.89 -12.26 5.24
CA VAL A 23 -5.34 -10.91 5.11
C VAL A 23 -6.21 -10.09 4.18
N ALA A 24 -6.42 -8.82 4.52
CA ALA A 24 -7.15 -7.87 3.68
C ALA A 24 -6.24 -6.71 3.33
N VAL A 25 -6.26 -6.33 2.05
CA VAL A 25 -5.53 -5.17 1.55
C VAL A 25 -6.47 -4.39 0.64
N ALA A 26 -6.23 -3.08 0.57
CA ALA A 26 -7.03 -2.23 -0.28
C ALA A 26 -6.19 -1.06 -0.79
N ASP A 27 -6.46 -0.62 -2.01
CA ASP A 27 -5.83 0.58 -2.54
C ASP A 27 -6.88 1.60 -2.97
N VAL A 28 -6.66 2.83 -2.55
CA VAL A 28 -7.50 3.96 -2.90
C VAL A 28 -6.80 4.69 -4.03
N GLY A 29 -7.36 4.63 -5.22
CA GLY A 29 -6.87 5.35 -6.37
C GLY A 29 -7.67 6.59 -6.68
N THR A 30 -7.53 7.06 -7.92
CA THR A 30 -8.15 8.29 -8.37
C THR A 30 -9.52 8.06 -9.01
N ASN A 31 -9.68 6.97 -9.77
CA ASN A 31 -10.99 6.61 -10.29
C ASN A 31 -11.78 5.74 -9.33
N SER A 32 -11.13 4.78 -8.68
CA SER A 32 -11.85 3.79 -7.88
C SER A 32 -10.92 3.24 -6.81
N SER A 33 -11.51 2.51 -5.86
CA SER A 33 -10.79 1.88 -4.78
C SER A 33 -10.96 0.36 -4.87
N HIS A 34 -9.95 -0.40 -4.48
CA HIS A 34 -9.95 -1.83 -4.71
C HIS A 34 -9.57 -2.61 -3.46
N LEU A 35 -10.28 -3.69 -3.20
CA LEU A 35 -10.05 -4.54 -2.05
C LEU A 35 -9.71 -5.96 -2.49
N LEU A 36 -8.73 -6.56 -1.81
CA LEU A 36 -8.44 -7.98 -1.99
C LEU A 36 -8.39 -8.63 -0.61
N ILE A 37 -9.17 -9.70 -0.43
CA ILE A 37 -9.12 -10.53 0.76
C ILE A 37 -8.59 -11.90 0.35
N ALA A 38 -7.59 -12.40 1.05
CA ALA A 38 -6.90 -13.62 0.63
C ALA A 38 -6.42 -14.39 1.85
N GLU A 39 -6.12 -15.67 1.62
CA GLU A 39 -5.62 -16.59 2.65
C GLU A 39 -4.27 -17.16 2.21
N ALA A 40 -3.30 -17.17 3.12
CA ALA A 40 -1.97 -17.65 2.80
C ALA A 40 -1.98 -19.13 2.40
N LEU A 41 -0.90 -19.55 1.73
CA LEU A 41 -0.76 -20.93 1.28
C LEU A 41 0.24 -21.68 2.16
N PRO A 42 -0.12 -22.85 2.67
CA PRO A 42 0.78 -23.56 3.61
C PRO A 42 2.15 -23.83 2.99
N GLY A 43 3.19 -23.69 3.82
CA GLY A 43 4.57 -23.82 3.38
C GLY A 43 5.42 -22.58 3.57
N ASP A 44 4.85 -21.45 4.03
CA ASP A 44 5.58 -20.19 4.18
C ASP A 44 6.27 -19.78 2.88
N ALA A 45 5.63 -20.10 1.74
CA ALA A 45 6.21 -19.80 0.45
C ALA A 45 5.95 -18.37 -0.01
N GLY A 46 4.93 -17.70 0.52
CA GLY A 46 4.58 -16.36 0.10
C GLY A 46 3.41 -16.27 -0.86
N GLY A 47 2.66 -17.34 -1.04
CA GLY A 47 1.53 -17.34 -1.95
C GLY A 47 0.20 -17.26 -1.24
N PHE A 48 -0.86 -16.89 -1.96
CA PHE A 48 -2.18 -16.68 -1.39
C PHE A 48 -3.24 -17.31 -2.27
N ARG A 49 -4.43 -17.45 -1.69
CA ARG A 49 -5.61 -17.90 -2.38
C ARG A 49 -6.67 -16.79 -2.31
N VAL A 50 -7.14 -16.33 -3.45
CA VAL A 50 -8.10 -15.23 -3.47
C VAL A 50 -9.40 -15.67 -2.81
N ILE A 51 -9.80 -14.98 -1.74
CA ILE A 51 -11.12 -15.20 -1.17
C ILE A 51 -12.15 -14.28 -1.79
N ASP A 52 -11.89 -12.98 -1.78
CA ASP A 52 -12.85 -12.02 -2.32
C ASP A 52 -12.15 -10.78 -2.82
N THR A 53 -12.70 -10.19 -3.89
CA THR A 53 -12.27 -8.92 -4.43
C THR A 53 -13.48 -8.02 -4.59
N LEU A 54 -13.28 -6.72 -4.37
CA LEU A 54 -14.35 -5.75 -4.49
C LEU A 54 -13.79 -4.42 -5.00
N LYS A 55 -14.53 -3.81 -5.93
CA LYS A 55 -14.22 -2.48 -6.48
C LYS A 55 -15.25 -1.47 -6.00
N ASP A 56 -14.81 -0.26 -5.70
CA ASP A 56 -15.72 0.83 -5.37
C ASP A 56 -15.36 2.01 -6.26
N ARG A 57 -16.38 2.62 -6.87
CA ARG A 57 -16.15 3.81 -7.75
C ARG A 57 -16.16 5.08 -6.89
N THR A 58 -15.09 5.32 -6.12
CA THR A 58 -15.00 6.51 -5.24
C THR A 58 -14.81 7.77 -6.09
N ARG A 59 -14.28 7.64 -7.31
CA ARG A 59 -14.09 8.80 -8.23
C ARG A 59 -13.56 10.00 -7.44
N LEU A 60 -12.50 9.80 -6.67
CA LEU A 60 -11.89 10.88 -5.90
C LEU A 60 -11.33 11.99 -6.79
N GLY A 61 -10.75 11.63 -7.94
CA GLY A 61 -10.27 12.63 -8.88
C GLY A 61 -11.32 13.58 -9.40
N GLU A 62 -12.60 13.25 -9.23
CA GLU A 62 -13.68 14.16 -9.59
C GLU A 62 -14.15 15.01 -8.41
N CYS A 63 -13.51 14.88 -7.25
CA CYS A 63 -13.93 15.55 -6.02
C CYS A 63 -12.83 16.46 -5.49
N LEU A 64 -11.92 16.88 -6.37
CA LEU A 64 -10.89 17.84 -6.04
C LEU A 64 -11.38 19.25 -6.39
N ASP A 65 -10.78 20.23 -5.73
CA ASP A 65 -11.09 21.62 -6.06
C ASP A 65 -9.96 22.18 -6.95
N THR A 66 -10.06 23.48 -7.24
CA THR A 66 -9.07 24.12 -8.10
C THR A 66 -7.67 24.03 -7.50
N ARG A 67 -7.57 24.11 -6.17
CA ARG A 67 -6.30 23.93 -5.47
C ARG A 67 -5.88 22.48 -5.32
N GLY A 68 -6.65 21.52 -5.84
CA GLY A 68 -6.30 20.13 -5.70
C GLY A 68 -6.69 19.50 -4.38
N GLU A 69 -7.46 20.20 -3.54
CA GLU A 69 -7.90 19.68 -2.24
C GLU A 69 -9.10 18.76 -2.43
N LEU A 70 -9.14 17.70 -1.64
CA LEU A 70 -10.26 16.77 -1.71
C LEU A 70 -11.44 17.38 -0.98
N THR A 71 -12.59 17.46 -1.63
CA THR A 71 -13.76 18.13 -1.03
C THR A 71 -14.39 17.27 0.05
N PRO A 72 -15.24 17.85 0.89
CA PRO A 72 -16.00 17.01 1.83
C PRO A 72 -16.81 15.90 1.17
N GLU A 73 -17.26 16.08 -0.07
CA GLU A 73 -17.96 14.99 -0.76
C GLU A 73 -17.02 13.86 -1.09
N GLY A 74 -15.77 14.19 -1.42
CA GLY A 74 -14.77 13.16 -1.61
C GLY A 74 -14.50 12.37 -0.34
N GLU A 75 -14.43 13.06 0.79
CA GLU A 75 -14.24 12.40 2.07
C GLU A 75 -15.40 11.49 2.42
N GLU A 76 -16.61 11.86 2.03
CA GLU A 76 -17.76 11.01 2.25
C GLU A 76 -17.68 9.76 1.36
N ARG A 77 -17.20 9.93 0.13
CA ARG A 77 -17.06 8.78 -0.74
C ARG A 77 -15.94 7.87 -0.26
N LEU A 78 -14.84 8.43 0.26
CA LEU A 78 -13.75 7.60 0.72
C LEU A 78 -14.16 6.76 1.92
N ALA A 79 -14.75 7.41 2.93
CA ALA A 79 -15.19 6.72 4.14
C ALA A 79 -16.27 5.68 3.84
N SER A 80 -17.07 5.90 2.80
CA SER A 80 -18.09 4.93 2.45
C SER A 80 -17.46 3.63 1.97
N ALA A 81 -16.51 3.74 1.04
CA ALA A 81 -15.83 2.56 0.50
C ALA A 81 -15.05 1.82 1.58
N LEU A 82 -14.30 2.55 2.41
CA LEU A 82 -13.50 1.88 3.44
C LEU A 82 -14.42 1.18 4.44
N THR A 83 -15.57 1.76 4.73
CA THR A 83 -16.54 1.09 5.60
C THR A 83 -16.99 -0.23 4.98
N ARG A 84 -17.43 -0.18 3.71
CA ARG A 84 -17.77 -1.40 2.98
C ARG A 84 -16.60 -2.39 2.98
N PHE A 85 -15.36 -1.88 2.83
CA PHE A 85 -14.22 -2.76 2.83
C PHE A 85 -14.01 -3.41 4.19
N ARG A 86 -14.12 -2.62 5.27
CA ARG A 86 -13.88 -3.14 6.61
C ARG A 86 -14.97 -4.13 7.00
N GLU A 87 -16.17 -3.96 6.45
CA GLU A 87 -17.25 -4.93 6.72
C GLU A 87 -17.05 -6.23 5.96
N LEU A 88 -16.57 -6.17 4.71
CA LEU A 88 -16.35 -7.40 3.97
C LEU A 88 -15.16 -8.18 4.53
N ALA A 89 -14.11 -7.48 4.97
CA ALA A 89 -12.98 -8.13 5.60
C ALA A 89 -13.38 -8.82 6.90
N ALA A 90 -14.17 -8.13 7.74
CA ALA A 90 -14.63 -8.76 8.98
C ALA A 90 -15.55 -9.94 8.68
N SER A 91 -16.36 -9.83 7.63
CA SER A 91 -17.23 -10.91 7.16
C SER A 91 -16.45 -12.11 6.63
N ALA A 92 -15.12 -12.01 6.51
CA ALA A 92 -14.30 -13.14 6.10
C ALA A 92 -13.21 -13.46 7.12
N GLY A 93 -13.14 -12.75 8.24
CA GLY A 93 -12.12 -13.05 9.22
C GLY A 93 -10.76 -12.49 8.88
N ALA A 94 -10.69 -11.59 7.89
CA ALA A 94 -9.40 -11.08 7.45
C ALA A 94 -8.78 -10.15 8.48
N GLY A 95 -9.58 -9.55 9.36
CA GLY A 95 -9.05 -8.62 10.35
C GLY A 95 -8.76 -7.25 9.76
N ASP A 96 -7.71 -6.60 10.27
CA ASP A 96 -7.41 -5.23 9.87
C ASP A 96 -7.13 -5.15 8.38
N VAL A 97 -7.66 -4.12 7.73
CA VAL A 97 -7.43 -3.87 6.31
C VAL A 97 -6.22 -2.95 6.19
N ARG A 98 -5.20 -3.37 5.46
CA ARG A 98 -4.10 -2.47 5.14
C ARG A 98 -4.52 -1.64 3.92
N VAL A 99 -4.38 -0.31 4.01
CA VAL A 99 -4.89 0.58 2.98
C VAL A 99 -3.78 1.52 2.54
N TYR A 100 -3.39 1.40 1.29
CA TYR A 100 -2.49 2.33 0.62
C TYR A 100 -3.30 3.29 -0.25
N ALA A 101 -2.76 4.49 -0.46
CA ALA A 101 -3.44 5.49 -1.28
C ALA A 101 -2.45 6.09 -2.27
N THR A 102 -2.92 6.38 -3.47
CA THR A 102 -2.06 6.78 -4.57
C THR A 102 -2.36 8.24 -4.93
N SER A 103 -2.57 8.58 -6.21
CA SER A 103 -2.26 9.93 -6.68
C SER A 103 -3.21 10.99 -6.11
N ALA A 104 -4.48 10.65 -5.97
CA ALA A 104 -5.49 11.65 -5.59
C ALA A 104 -5.23 12.19 -4.20
N LEU A 105 -5.01 11.30 -3.23
CA LEU A 105 -4.65 11.72 -1.89
C LEU A 105 -3.21 12.20 -1.80
N ARG A 106 -2.28 11.52 -2.52
CA ARG A 106 -0.87 11.92 -2.50
C ARG A 106 -0.70 13.41 -2.79
N GLU A 107 -1.46 13.92 -3.76
CA GLU A 107 -1.24 15.27 -4.26
C GLU A 107 -2.16 16.31 -3.65
N ALA A 108 -3.18 15.90 -2.88
CA ALA A 108 -4.10 16.85 -2.24
C ALA A 108 -3.42 17.53 -1.04
N PRO A 109 -3.32 18.86 -1.02
CA PRO A 109 -2.75 19.54 0.15
C PRO A 109 -3.44 19.19 1.46
N ASN A 110 -4.70 18.75 1.44
CA ASN A 110 -5.37 18.32 2.65
C ASN A 110 -5.42 16.79 2.79
N GLY A 111 -4.52 16.07 2.09
CA GLY A 111 -4.55 14.62 2.13
C GLY A 111 -4.40 14.07 3.53
N ALA A 112 -3.47 14.61 4.30
CA ALA A 112 -3.21 14.10 5.64
C ALA A 112 -4.45 14.25 6.53
N GLU A 113 -5.04 15.45 6.54
CA GLU A 113 -6.22 15.70 7.37
C GLU A 113 -7.39 14.85 6.94
N VAL A 114 -7.62 14.73 5.62
CA VAL A 114 -8.64 13.82 5.11
C VAL A 114 -8.40 12.40 5.64
N ALA A 115 -7.16 11.93 5.55
CA ALA A 115 -6.88 10.54 5.95
C ALA A 115 -7.11 10.33 7.45
N GLU A 116 -6.74 11.31 8.29
CA GLU A 116 -6.97 11.17 9.72
C GLU A 116 -8.46 11.27 10.04
N ARG A 117 -9.20 12.08 9.27
CA ARG A 117 -10.63 12.19 9.47
C ARG A 117 -11.32 10.88 9.11
N VAL A 118 -10.82 10.21 8.07
CA VAL A 118 -11.46 8.98 7.59
C VAL A 118 -11.16 7.82 8.52
N ARG A 119 -9.96 7.79 9.10
CA ARG A 119 -9.67 6.81 10.15
C ARG A 119 -10.58 7.02 11.37
N GLN A 120 -10.85 8.28 11.74
CA GLN A 120 -11.76 8.53 12.85
C GLN A 120 -13.13 7.94 12.58
N ARG A 121 -13.61 8.05 11.34
CA ARG A 121 -14.95 7.60 10.98
C ARG A 121 -15.03 6.10 10.68
N THR A 122 -13.93 5.46 10.29
CA THR A 122 -13.95 4.06 9.86
C THR A 122 -13.03 3.17 10.67
N GLY A 123 -11.92 3.71 11.17
CA GLY A 123 -10.86 2.91 11.73
C GLY A 123 -9.75 2.60 10.76
N LEU A 124 -10.01 2.73 9.46
CA LEU A 124 -9.03 2.44 8.42
C LEU A 124 -8.36 3.72 7.96
N TYR A 125 -7.04 3.68 7.82
CA TYR A 125 -6.27 4.86 7.47
C TYR A 125 -5.72 4.73 6.05
N PRO A 126 -6.07 5.66 5.14
CA PRO A 126 -5.55 5.58 3.77
C PRO A 126 -4.14 6.14 3.72
N ALA A 127 -3.16 5.25 3.72
CA ALA A 127 -1.76 5.63 3.81
C ALA A 127 -1.23 5.95 2.42
N VAL A 128 -0.80 7.20 2.25
CA VAL A 128 -0.23 7.67 0.99
C VAL A 128 1.14 7.04 0.75
N ILE A 129 1.30 6.34 -0.38
CA ILE A 129 2.61 5.84 -0.82
C ILE A 129 3.07 6.67 -2.02
N SER A 130 4.36 6.59 -2.31
CA SER A 130 4.94 7.35 -3.42
C SER A 130 4.63 6.67 -4.74
N GLY A 131 4.77 7.44 -5.83
CA GLY A 131 4.56 6.88 -7.15
C GLY A 131 5.52 5.74 -7.46
N VAL A 132 6.76 5.84 -6.97
CA VAL A 132 7.74 4.80 -7.24
C VAL A 132 7.35 3.51 -6.54
N ARG A 133 6.91 3.60 -5.28
CA ARG A 133 6.43 2.43 -4.58
C ARG A 133 5.15 1.88 -5.18
N GLU A 134 4.26 2.75 -5.65
CA GLU A 134 3.06 2.30 -6.34
C GLU A 134 3.41 1.41 -7.52
N GLY A 135 4.35 1.86 -8.36
CA GLY A 135 4.77 1.07 -9.50
C GLY A 135 5.39 -0.26 -9.11
N GLU A 136 6.22 -0.27 -8.05
CA GLU A 136 6.82 -1.52 -7.63
C GLU A 136 5.77 -2.55 -7.23
N LEU A 137 4.82 -2.14 -6.38
CA LEU A 137 3.78 -3.06 -5.92
C LEU A 137 2.87 -3.48 -7.06
N THR A 138 2.57 -2.55 -7.99
CA THR A 138 1.75 -2.89 -9.15
C THR A 138 2.44 -3.97 -9.98
N TYR A 139 3.75 -3.82 -10.21
CA TYR A 139 4.51 -4.81 -10.96
C TYR A 139 4.43 -6.20 -10.34
N LEU A 140 4.46 -6.29 -9.00
CA LEU A 140 4.34 -7.57 -8.33
C LEU A 140 2.97 -8.20 -8.53
N GLY A 141 1.93 -7.39 -8.63
CA GLY A 141 0.60 -7.89 -8.88
C GLY A 141 0.44 -8.37 -10.29
N VAL A 142 1.07 -7.66 -11.24
CA VAL A 142 1.11 -8.13 -12.62
C VAL A 142 1.82 -9.48 -12.67
N ARG A 143 2.96 -9.58 -11.98
CA ARG A 143 3.67 -10.83 -11.84
C ARG A 143 2.77 -11.98 -11.37
N GLU A 144 1.80 -11.70 -10.50
CA GLU A 144 0.91 -12.76 -10.01
C GLU A 144 -0.17 -13.13 -10.99
N ALA A 145 -0.43 -12.32 -12.01
CA ALA A 145 -1.50 -12.63 -12.97
C ALA A 145 -1.02 -13.03 -14.36
N VAL A 146 0.15 -12.59 -14.82
CA VAL A 146 0.56 -12.85 -16.20
C VAL A 146 2.00 -13.36 -16.23
N GLU A 147 2.43 -13.84 -17.39
CA GLU A 147 3.75 -14.47 -17.57
C GLU A 147 4.80 -13.43 -17.95
N LEU A 148 5.66 -13.06 -17.00
CA LEU A 148 6.74 -12.12 -17.27
C LEU A 148 7.96 -12.84 -17.82
N GLY A 149 8.64 -12.21 -18.76
CA GLY A 149 9.86 -12.74 -19.31
C GLY A 149 11.08 -12.09 -18.67
N PRO A 150 12.27 -12.35 -19.22
CA PRO A 150 13.48 -11.71 -18.67
C PRO A 150 13.51 -10.19 -18.78
N ASP A 151 12.78 -9.58 -19.70
CA ASP A 151 12.78 -8.11 -19.87
C ASP A 151 11.34 -7.64 -20.10
N ASN A 152 10.79 -6.92 -19.11
CA ASN A 152 9.39 -6.53 -19.13
C ASN A 152 9.24 -5.03 -18.85
N VAL A 153 8.42 -4.35 -19.68
CA VAL A 153 8.01 -2.97 -19.43
C VAL A 153 6.50 -2.94 -19.25
N LEU A 154 6.06 -2.32 -18.16
CA LEU A 154 4.68 -2.27 -17.73
C LEU A 154 4.26 -0.79 -17.68
N LEU A 155 3.08 -0.50 -18.23
CA LEU A 155 2.44 0.81 -18.06
C LEU A 155 1.22 0.62 -17.20
N ASP A 156 1.08 1.44 -16.15
CA ASP A 156 -0.10 1.43 -15.31
C ASP A 156 -0.75 2.81 -15.38
N LEU A 157 -1.81 2.92 -16.20
CA LEU A 157 -2.58 4.16 -16.29
C LEU A 157 -3.72 4.14 -15.28
N GLY A 158 -3.66 5.06 -14.31
CA GLY A 158 -4.74 5.35 -13.42
C GLY A 158 -5.46 6.63 -13.82
N GLY A 159 -6.32 7.10 -12.92
CA GLY A 159 -7.06 8.32 -13.20
C GLY A 159 -6.21 9.56 -12.97
N GLY A 160 -5.17 9.44 -12.13
CA GLY A 160 -4.30 10.53 -11.77
C GLY A 160 -2.91 10.43 -12.36
N SER A 161 -2.25 9.27 -12.28
CA SER A 161 -0.88 9.19 -12.76
C SER A 161 -0.68 7.97 -13.66
N LEU A 162 0.45 7.99 -14.37
CA LEU A 162 0.88 6.88 -15.22
C LEU A 162 2.26 6.40 -14.77
N GLU A 163 2.36 5.15 -14.32
CA GLU A 163 3.68 4.61 -13.95
C GLU A 163 4.27 3.77 -15.07
N PHE A 164 5.57 3.92 -15.28
CA PHE A 164 6.35 3.07 -16.15
C PHE A 164 7.23 2.23 -15.23
N VAL A 165 7.25 0.92 -15.47
CA VAL A 165 8.06 0.02 -14.66
C VAL A 165 8.78 -0.90 -15.62
N ARG A 166 10.09 -1.05 -15.44
CA ARG A 166 10.84 -2.05 -16.17
C ARG A 166 11.42 -3.03 -15.17
N GLY A 167 11.38 -4.31 -15.49
CA GLY A 167 11.97 -5.31 -14.64
C GLY A 167 12.18 -6.61 -15.39
N ALA A 168 12.63 -7.62 -14.65
CA ALA A 168 12.78 -8.98 -15.11
C ALA A 168 11.72 -9.86 -14.43
N GLU A 169 12.07 -11.12 -14.15
CA GLU A 169 11.03 -12.08 -13.86
C GLU A 169 10.54 -12.04 -12.42
N GLU A 170 11.11 -11.19 -11.55
CA GLU A 170 10.69 -11.23 -10.15
C GLU A 170 10.25 -9.89 -9.58
N ARG A 171 10.94 -8.80 -9.92
CA ARG A 171 10.64 -7.52 -9.29
C ARG A 171 11.00 -6.37 -10.22
N ALA A 172 10.54 -5.19 -9.85
CA ALA A 172 10.83 -3.97 -10.61
C ALA A 172 12.27 -3.55 -10.40
N ALA A 173 12.93 -3.19 -11.49
CA ALA A 173 14.24 -2.56 -11.40
C ALA A 173 14.15 -1.04 -11.46
N ASP A 174 13.29 -0.49 -12.31
CA ASP A 174 13.19 0.93 -12.61
C ASP A 174 11.72 1.35 -12.60
N VAL A 175 11.41 2.50 -11.98
CA VAL A 175 10.04 3.01 -11.96
C VAL A 175 10.03 4.52 -12.16
N LEU A 176 9.12 4.97 -13.02
CA LEU A 176 8.90 6.39 -13.29
C LEU A 176 7.40 6.67 -13.19
N SER A 177 7.02 7.75 -12.51
CA SER A 177 5.62 8.10 -12.30
C SER A 177 5.36 9.49 -12.86
N LEU A 178 4.39 9.60 -13.79
CA LEU A 178 4.13 10.87 -14.48
C LEU A 178 2.68 11.30 -14.30
N PRO A 179 2.42 12.62 -14.23
CA PRO A 179 1.03 13.16 -14.13
C PRO A 179 0.25 13.05 -15.43
N LEU A 180 -0.07 11.84 -15.86
CA LEU A 180 -0.75 11.65 -17.13
C LEU A 180 -2.03 10.83 -16.95
N GLY A 181 -2.69 10.96 -15.77
CA GLY A 181 -3.91 10.21 -15.49
C GLY A 181 -5.08 10.51 -16.41
N ALA A 182 -5.93 9.50 -16.61
CA ALA A 182 -7.08 9.64 -17.51
C ALA A 182 -8.00 10.77 -17.08
N ILE A 183 -8.24 10.93 -15.77
CA ILE A 183 -9.07 12.01 -15.28
C ILE A 183 -8.33 13.34 -15.38
N ARG A 184 -7.05 13.35 -14.98
CA ARG A 184 -6.29 14.58 -15.05
C ARG A 184 -6.24 15.10 -16.48
N MET A 185 -6.00 14.20 -17.45
CA MET A 185 -5.91 14.62 -18.85
C MET A 185 -7.26 15.07 -19.41
N THR A 186 -8.36 14.38 -19.06
CA THR A 186 -9.69 14.83 -19.50
C THR A 186 -9.94 16.27 -19.07
N ARG A 187 -9.61 16.61 -17.82
CA ARG A 187 -9.89 17.98 -17.38
C ARG A 187 -8.83 18.96 -17.86
N ALA A 188 -7.59 18.48 -18.06
CA ALA A 188 -6.54 19.35 -18.56
C ALA A 188 -6.83 19.81 -19.97
N PHE A 189 -7.47 18.98 -20.80
CA PHE A 189 -7.73 19.31 -22.21
C PHE A 189 -9.23 19.24 -22.50
N PRO A 190 -9.98 20.27 -22.07
CA PRO A 190 -11.45 20.23 -22.21
C PRO A 190 -11.86 20.19 -23.67
N GLU A 191 -12.89 19.40 -23.96
CA GLU A 191 -13.29 19.13 -25.34
C GLU A 191 -14.28 20.17 -25.85
N GLY A 192 -14.07 20.65 -27.07
CA GLY A 192 -15.00 21.55 -27.71
C GLY A 192 -16.20 20.81 -28.29
N ASP A 193 -17.03 21.54 -29.03
CA ASP A 193 -18.22 20.96 -29.67
C ASP A 193 -18.10 20.88 -31.19
N GLY A 194 -16.92 21.14 -31.74
CA GLY A 194 -16.72 21.06 -33.18
C GLY A 194 -16.67 19.62 -33.69
N LYS A 195 -16.49 19.49 -35.02
CA LYS A 195 -16.40 18.18 -35.64
C LYS A 195 -15.16 17.42 -35.16
N ASN A 196 -13.99 18.06 -35.20
CA ASN A 196 -12.73 17.46 -34.78
C ASN A 196 -12.38 17.76 -33.35
N ALA A 197 -13.37 18.11 -32.51
CA ALA A 197 -13.07 18.42 -31.12
C ALA A 197 -12.39 17.25 -30.44
N GLY A 198 -12.89 16.04 -30.67
CA GLY A 198 -12.28 14.86 -30.08
C GLY A 198 -10.89 14.59 -30.58
N ARG A 199 -10.72 14.60 -31.91
CA ARG A 199 -9.40 14.42 -32.50
C ARG A 199 -8.43 15.47 -31.98
N ASP A 200 -8.91 16.67 -31.67
CA ASP A 200 -8.02 17.71 -31.15
C ASP A 200 -7.61 17.42 -29.72
N VAL A 201 -8.53 16.87 -28.92
CA VAL A 201 -8.19 16.47 -27.55
C VAL A 201 -7.15 15.35 -27.58
N ALA A 202 -7.35 14.36 -28.45
CA ALA A 202 -6.42 13.23 -28.54
C ALA A 202 -5.04 13.70 -28.99
N ASP A 203 -4.98 14.64 -29.93
CA ASP A 203 -3.70 15.17 -30.40
C ASP A 203 -2.95 15.89 -29.30
N ALA A 204 -3.67 16.74 -28.54
CA ALA A 204 -2.98 17.54 -27.52
C ALA A 204 -2.59 16.70 -26.32
N VAL A 205 -3.35 15.64 -26.05
CA VAL A 205 -2.94 14.74 -24.98
C VAL A 205 -1.69 13.98 -25.41
N ALA A 206 -1.69 13.45 -26.64
CA ALA A 206 -0.48 12.83 -27.16
C ALA A 206 0.73 13.75 -27.04
N ARG A 207 0.57 15.07 -27.24
CA ARG A 207 1.71 15.98 -27.10
C ARG A 207 2.13 16.11 -25.65
N GLN A 208 1.17 16.15 -24.72
CA GLN A 208 1.51 16.23 -23.30
C GLN A 208 2.31 15.01 -22.87
N VAL A 209 1.88 13.81 -23.31
CA VAL A 209 2.59 12.56 -23.02
C VAL A 209 4.02 12.62 -23.52
N ARG A 210 4.23 13.13 -24.74
CA ARG A 210 5.56 13.16 -25.31
C ARG A 210 6.47 14.11 -24.53
N GLU A 211 5.98 15.32 -24.27
CA GLU A 211 6.78 16.31 -23.56
C GLU A 211 7.29 15.77 -22.24
N LEU A 212 6.41 15.11 -21.47
CA LEU A 212 6.77 14.63 -20.14
C LEU A 212 7.59 13.34 -20.21
N LEU A 213 7.34 12.48 -21.20
CA LEU A 213 8.03 11.21 -21.31
C LEU A 213 9.37 11.31 -22.03
N ARG A 214 9.57 12.33 -22.86
CA ARG A 214 10.77 12.42 -23.68
C ARG A 214 12.07 12.26 -22.89
N PRO A 215 12.30 13.01 -21.81
CA PRO A 215 13.60 12.89 -21.12
C PRO A 215 13.87 11.54 -20.49
N HIS A 216 12.89 10.65 -20.41
CA HIS A 216 13.06 9.35 -19.76
C HIS A 216 12.70 8.16 -20.64
N ALA A 217 12.34 8.37 -21.90
CA ALA A 217 11.78 7.27 -22.68
C ALA A 217 12.79 6.14 -22.88
N GLY A 218 14.09 6.47 -22.94
CA GLY A 218 15.10 5.43 -23.10
C GLY A 218 15.01 4.34 -22.04
N ARG A 219 14.73 4.72 -20.80
CA ARG A 219 14.64 3.76 -19.71
C ARG A 219 13.61 2.67 -19.98
N PHE A 220 12.59 2.96 -20.81
CA PHE A 220 11.49 2.04 -21.01
C PHE A 220 11.26 1.69 -22.48
N ALA A 221 12.22 1.99 -23.35
CA ALA A 221 12.03 1.79 -24.77
C ALA A 221 12.24 0.32 -25.13
N ALA A 222 11.61 -0.09 -26.23
CA ALA A 222 11.65 -1.49 -26.63
C ALA A 222 13.05 -1.87 -27.09
N ARG A 223 13.53 -3.02 -26.62
CA ARG A 223 14.76 -3.61 -27.14
C ARG A 223 14.35 -4.97 -27.69
N PRO A 224 15.21 -5.69 -28.41
CA PRO A 224 14.76 -6.99 -28.94
C PRO A 224 14.49 -7.97 -27.81
N GLY A 225 13.23 -8.42 -27.73
CA GLY A 225 12.81 -9.32 -26.68
C GLY A 225 11.96 -8.71 -25.58
N THR A 226 11.63 -7.42 -25.66
CA THR A 226 10.91 -6.76 -24.59
C THR A 226 9.42 -7.03 -24.72
N GLN A 227 8.79 -7.43 -23.62
CA GLN A 227 7.35 -7.63 -23.57
C GLN A 227 6.70 -6.48 -22.80
N PHE A 228 5.60 -5.98 -23.34
CA PHE A 228 4.90 -4.84 -22.77
C PHE A 228 3.61 -5.31 -22.12
N PHE A 229 3.31 -4.76 -20.95
CA PHE A 229 2.12 -5.18 -20.22
C PHE A 229 1.35 -3.93 -19.83
N LEU A 230 0.03 -4.05 -19.75
CA LEU A 230 -0.81 -2.95 -19.32
C LEU A 230 -1.64 -3.42 -18.14
N SER A 231 -1.90 -2.50 -17.22
CA SER A 231 -2.72 -2.80 -16.06
C SER A 231 -3.74 -1.68 -15.88
N SER A 232 -4.76 -1.99 -15.06
CA SER A 232 -5.83 -1.10 -14.59
C SER A 232 -6.98 -0.96 -15.59
N GLY A 233 -7.98 -0.16 -15.21
CA GLY A 233 -9.29 -0.25 -15.84
C GLY A 233 -9.34 0.30 -17.25
N THR A 234 -8.50 1.28 -17.56
CA THR A 234 -8.49 1.77 -18.94
C THR A 234 -7.97 0.68 -19.88
N ALA A 235 -6.85 0.05 -19.52
CA ALA A 235 -6.31 -1.06 -20.31
C ALA A 235 -7.30 -2.20 -20.40
N GLU A 236 -7.95 -2.55 -19.28
CA GLU A 236 -8.89 -3.67 -19.31
C GLU A 236 -10.10 -3.35 -20.18
N ALA A 237 -10.62 -2.13 -20.07
CA ALA A 237 -11.73 -1.73 -20.93
C ALA A 237 -11.29 -1.73 -22.39
N ALA A 238 -10.08 -1.26 -22.68
CA ALA A 238 -9.64 -1.19 -24.07
C ALA A 238 -9.46 -2.58 -24.65
N ALA A 239 -8.91 -3.51 -23.87
CA ALA A 239 -8.75 -4.90 -24.29
C ALA A 239 -10.10 -5.56 -24.56
N ASP A 240 -11.13 -5.16 -23.81
CA ASP A 240 -12.47 -5.72 -24.06
C ASP A 240 -13.07 -5.13 -25.33
N ALA A 241 -12.89 -3.83 -25.54
CA ALA A 241 -13.45 -3.20 -26.72
C ALA A 241 -12.76 -3.70 -27.99
N ILE A 242 -11.47 -4.02 -27.91
CA ILE A 242 -10.74 -4.47 -29.09
C ILE A 242 -11.09 -5.92 -29.40
N ALA A 243 -11.29 -6.74 -28.36
CA ALA A 243 -11.76 -8.10 -28.61
C ALA A 243 -13.17 -8.12 -29.17
N GLN A 244 -14.05 -7.23 -28.72
CA GLN A 244 -15.40 -7.20 -29.26
C GLN A 244 -15.44 -6.61 -30.66
N ARG A 245 -14.52 -5.70 -31.00
CA ARG A 245 -14.42 -5.24 -32.38
C ARG A 245 -13.96 -6.35 -33.33
N ARG A 246 -12.94 -7.13 -32.94
CA ARG A 246 -12.49 -8.24 -33.78
C ARG A 246 -13.48 -9.39 -33.81
N GLY A 247 -14.70 -9.25 -33.31
CA GLY A 247 -15.62 -10.38 -33.20
C GLY A 247 -15.42 -11.17 -31.91
N GLY A 248 -16.08 -10.74 -30.84
CA GLY A 248 -15.95 -11.40 -29.56
C GLY A 248 -17.09 -11.00 -28.66
N ARG A 249 -17.35 -11.87 -27.68
CA ARG A 249 -18.33 -11.58 -26.63
C ARG A 249 -17.71 -10.66 -25.60
N PRO A 250 -18.52 -10.05 -24.73
CA PRO A 250 -17.94 -9.27 -23.63
C PRO A 250 -16.98 -10.12 -22.80
N ALA A 251 -16.08 -9.44 -22.08
CA ALA A 251 -15.02 -10.10 -21.31
C ALA A 251 -15.54 -10.98 -20.18
N GLU A 252 -16.85 -10.96 -19.89
CA GLU A 252 -17.39 -11.82 -18.84
C GLU A 252 -17.34 -13.29 -19.25
N ALA A 253 -17.77 -13.61 -20.46
CA ALA A 253 -17.36 -14.87 -21.07
C ALA A 253 -15.85 -14.85 -21.22
N ALA A 254 -15.21 -16.00 -20.93
CA ALA A 254 -13.76 -16.15 -20.89
C ALA A 254 -13.14 -15.64 -19.59
N GLY A 255 -13.97 -15.43 -18.55
CA GLY A 255 -13.48 -15.11 -17.22
C GLY A 255 -12.98 -13.69 -16.97
N GLY A 256 -12.50 -13.04 -18.02
CA GLY A 256 -11.95 -11.70 -17.89
C GLY A 256 -11.15 -11.34 -19.13
N VAL A 257 -10.34 -10.28 -19.00
CA VAL A 257 -9.41 -9.88 -20.04
C VAL A 257 -7.99 -10.32 -19.75
N ASN A 258 -7.76 -10.95 -18.61
CA ASN A 258 -6.39 -11.21 -18.18
C ASN A 258 -5.64 -12.04 -19.22
N GLY A 259 -4.46 -11.56 -19.61
CA GLY A 259 -3.65 -12.24 -20.58
C GLY A 259 -4.01 -11.95 -22.01
N GLU A 260 -5.06 -11.17 -22.25
CA GLU A 260 -5.42 -10.79 -23.60
C GLU A 260 -4.36 -9.89 -24.18
N ARG A 261 -4.06 -10.12 -25.46
CA ARG A 261 -3.01 -9.39 -26.16
C ARG A 261 -3.67 -8.53 -27.23
N PHE A 262 -3.23 -7.28 -27.35
CA PHE A 262 -3.60 -6.50 -28.50
C PHE A 262 -2.40 -5.70 -29.01
N THR A 263 -2.55 -5.15 -30.21
CA THR A 263 -1.50 -4.47 -30.95
C THR A 263 -1.73 -2.97 -30.97
N LEU A 264 -0.65 -2.24 -31.25
CA LEU A 264 -0.74 -0.79 -31.30
C LEU A 264 -1.69 -0.33 -32.40
N THR A 265 -1.71 -1.02 -33.55
CA THR A 265 -2.64 -0.70 -34.62
C THR A 265 -4.10 -0.81 -34.16
N GLU A 266 -4.46 -1.95 -33.54
CA GLU A 266 -5.84 -2.09 -33.06
C GLU A 266 -6.19 -1.02 -32.04
N LEU A 267 -5.23 -0.63 -31.18
CA LEU A 267 -5.46 0.46 -30.24
C LEU A 267 -5.73 1.77 -30.98
N ALA A 268 -4.83 2.15 -31.89
CA ALA A 268 -5.00 3.36 -32.69
C ALA A 268 -6.36 3.39 -33.40
N ASP A 269 -6.79 2.23 -33.93
CA ASP A 269 -8.07 2.15 -34.61
C ASP A 269 -9.22 2.40 -33.67
N LEU A 270 -9.16 1.81 -32.47
CA LEU A 270 -10.20 2.07 -31.48
C LEU A 270 -10.21 3.54 -31.08
N LEU A 271 -9.01 4.13 -30.92
CA LEU A 271 -8.91 5.54 -30.55
C LEU A 271 -9.48 6.43 -31.63
N ALA A 272 -9.18 6.13 -32.90
CA ALA A 272 -9.75 6.87 -34.00
C ALA A 272 -11.28 6.84 -33.96
N HIS A 273 -11.86 5.65 -33.70
CA HIS A 273 -13.31 5.53 -33.60
C HIS A 273 -13.87 6.38 -32.46
N VAL A 274 -13.24 6.32 -31.28
CA VAL A 274 -13.69 7.07 -30.11
C VAL A 274 -13.64 8.58 -30.37
N ALA A 275 -12.60 9.06 -31.04
CA ALA A 275 -12.42 10.50 -31.26
C ALA A 275 -13.50 11.09 -32.16
N ARG A 276 -13.99 10.33 -33.13
CA ARG A 276 -15.06 10.75 -34.02
C ARG A 276 -16.43 10.79 -33.35
N LEU A 277 -16.55 10.20 -32.17
CA LEU A 277 -17.82 10.09 -31.47
C LEU A 277 -17.92 11.14 -30.37
N ARG A 278 -19.12 11.69 -30.18
CA ARG A 278 -19.37 12.59 -29.08
C ARG A 278 -19.41 11.82 -27.76
N PRO A 279 -19.16 12.50 -26.63
CA PRO A 279 -18.97 11.76 -25.36
C PRO A 279 -20.10 10.82 -24.98
N ALA A 280 -21.36 11.17 -25.22
CA ALA A 280 -22.41 10.22 -24.87
C ALA A 280 -22.48 9.06 -25.85
N GLN A 281 -21.95 9.25 -27.06
CA GLN A 281 -21.80 8.14 -28.00
C GLN A 281 -20.68 7.19 -27.59
N ARG A 282 -19.70 7.68 -26.83
CA ARG A 282 -18.60 6.83 -26.41
C ARG A 282 -19.08 5.79 -25.39
N ALA A 283 -20.04 6.15 -24.56
CA ALA A 283 -20.58 5.22 -23.56
C ALA A 283 -21.22 4.00 -24.22
N ARG A 284 -21.69 4.13 -25.46
CA ARG A 284 -22.32 3.01 -26.15
C ARG A 284 -21.35 2.24 -27.03
N VAL A 285 -20.06 2.59 -27.02
CA VAL A 285 -19.06 1.71 -27.63
C VAL A 285 -18.95 0.45 -26.78
N PRO A 286 -19.11 -0.74 -27.34
CA PRO A 286 -19.06 -1.96 -26.52
C PRO A 286 -17.71 -2.10 -25.83
N GLY A 287 -17.75 -2.37 -24.51
CA GLY A 287 -16.56 -2.46 -23.69
C GLY A 287 -16.10 -1.16 -23.02
N LEU A 288 -16.65 -0.01 -23.43
CA LEU A 288 -16.32 1.28 -22.85
C LEU A 288 -17.50 1.86 -22.08
N GLU A 289 -18.50 1.02 -21.79
CA GLU A 289 -19.79 1.47 -21.26
C GLU A 289 -19.65 2.31 -20.01
N ARG A 290 -18.67 2.02 -19.17
CA ARG A 290 -18.55 2.67 -17.87
C ARG A 290 -17.54 3.79 -17.88
N ARG A 291 -16.94 4.12 -19.03
CA ARG A 291 -15.89 5.13 -19.06
C ARG A 291 -16.07 6.19 -20.13
N GLY A 292 -17.28 6.38 -20.66
CA GLY A 292 -17.47 7.26 -21.81
C GLY A 292 -16.89 8.66 -21.65
N ASP A 293 -16.62 9.10 -20.42
CA ASP A 293 -16.23 10.48 -20.13
C ASP A 293 -14.72 10.70 -20.05
N THR A 294 -13.94 9.66 -19.79
CA THR A 294 -12.49 9.79 -19.73
C THR A 294 -11.79 9.01 -20.82
N ILE A 295 -12.49 8.11 -21.50
CA ILE A 295 -11.85 7.11 -22.31
C ILE A 295 -11.13 7.73 -23.50
N LEU A 296 -11.63 8.85 -24.04
CA LEU A 296 -10.92 9.47 -25.15
C LEU A 296 -9.49 9.84 -24.74
N ALA A 297 -9.34 10.67 -23.70
CA ALA A 297 -8.00 11.07 -23.27
C ALA A 297 -7.20 9.89 -22.73
N ALA A 298 -7.87 8.93 -22.09
CA ALA A 298 -7.16 7.75 -21.59
C ALA A 298 -6.51 6.95 -22.74
N LEU A 299 -7.27 6.69 -23.80
CA LEU A 299 -6.76 5.91 -24.93
C LEU A 299 -5.64 6.64 -25.65
N SER A 300 -5.75 7.97 -25.73
CA SER A 300 -4.68 8.76 -26.32
C SER A 300 -3.40 8.66 -25.51
N VAL A 301 -3.52 8.65 -24.18
CA VAL A 301 -2.36 8.50 -23.33
C VAL A 301 -1.68 7.17 -23.59
N LEU A 302 -2.45 6.08 -23.56
CA LEU A 302 -1.89 4.74 -23.79
C LEU A 302 -1.23 4.65 -25.16
N HIS A 303 -1.89 5.17 -26.20
CA HIS A 303 -1.31 5.11 -27.55
C HIS A 303 -0.03 5.92 -27.64
N ALA A 304 -0.03 7.14 -27.12
CA ALA A 304 1.18 7.97 -27.25
C ALA A 304 2.33 7.38 -26.45
N ALA A 305 2.06 6.89 -25.24
CA ALA A 305 3.12 6.36 -24.42
C ALA A 305 3.73 5.11 -25.05
N LEU A 306 2.89 4.16 -25.48
CA LEU A 306 3.41 2.96 -26.11
C LEU A 306 4.18 3.31 -27.38
N ASP A 307 3.60 4.17 -28.22
CA ASP A 307 4.27 4.58 -29.44
C ASP A 307 5.63 5.24 -29.16
N ALA A 308 5.72 6.05 -28.12
CA ALA A 308 6.99 6.68 -27.82
C ALA A 308 8.03 5.65 -27.43
N LEU A 309 7.60 4.53 -26.84
CA LEU A 309 8.49 3.47 -26.35
C LEU A 309 8.80 2.42 -27.41
N GLY A 310 8.19 2.51 -28.59
CA GLY A 310 8.47 1.54 -29.63
C GLY A 310 7.82 0.19 -29.41
N ALA A 311 6.70 0.14 -28.68
CA ALA A 311 5.96 -1.09 -28.48
C ALA A 311 5.07 -1.39 -29.68
N ARG A 312 4.95 -2.66 -30.03
CA ARG A 312 4.01 -3.05 -31.07
C ARG A 312 2.86 -3.89 -30.57
N GLU A 313 3.04 -4.59 -29.45
CA GLU A 313 2.05 -5.50 -28.91
C GLU A 313 2.10 -5.42 -27.39
N VAL A 314 0.96 -5.68 -26.73
CA VAL A 314 0.89 -5.63 -25.26
C VAL A 314 0.02 -6.78 -24.76
N THR A 315 0.15 -7.07 -23.46
CA THR A 315 -0.70 -8.04 -22.77
C THR A 315 -1.33 -7.35 -21.57
N VAL A 316 -2.63 -7.57 -21.38
CA VAL A 316 -3.35 -6.90 -20.31
C VAL A 316 -3.34 -7.78 -19.08
N SER A 317 -3.22 -7.16 -17.91
CA SER A 317 -3.10 -7.85 -16.64
C SER A 317 -4.22 -7.41 -15.72
N GLU A 318 -4.87 -8.36 -15.06
CA GLU A 318 -5.89 -8.05 -14.09
C GLU A 318 -5.32 -7.88 -12.69
N GLY A 319 -4.07 -8.28 -12.49
CA GLY A 319 -3.37 -8.00 -11.24
C GLY A 319 -2.82 -6.59 -11.21
N ALA A 320 -2.74 -6.02 -10.01
CA ALA A 320 -2.39 -4.61 -9.86
C ALA A 320 -1.87 -4.36 -8.45
N LEU A 321 -2.03 -3.11 -7.97
CA LEU A 321 -1.52 -2.69 -6.65
C LEU A 321 -1.91 -3.65 -5.52
N ARG A 322 -3.21 -3.98 -5.38
CA ARG A 322 -3.65 -4.73 -4.22
C ARG A 322 -3.01 -6.13 -4.16
N GLU A 323 -2.86 -6.81 -5.31
CA GLU A 323 -2.15 -8.10 -5.30
C GLU A 323 -0.70 -7.94 -4.87
N GLY A 324 -0.04 -6.85 -5.27
CA GLY A 324 1.33 -6.64 -4.84
C GLY A 324 1.45 -6.38 -3.36
N MET A 325 0.44 -5.70 -2.80
CA MET A 325 0.40 -5.43 -1.34
C MET A 325 0.31 -6.77 -0.59
N LEU A 326 -0.52 -7.69 -1.06
CA LEU A 326 -0.69 -9.01 -0.41
C LEU A 326 0.64 -9.78 -0.48
N ILE A 327 1.30 -9.77 -1.64
CA ILE A 327 2.60 -10.47 -1.81
C ILE A 327 3.62 -9.88 -0.83
N GLU A 328 3.77 -8.55 -0.81
CA GLU A 328 4.75 -7.93 0.09
C GLU A 328 4.43 -8.22 1.55
N GLU A 329 3.16 -8.14 1.93
CA GLU A 329 2.78 -8.39 3.32
C GLU A 329 3.11 -9.82 3.74
N LEU A 330 2.69 -10.81 2.96
CA LEU A 330 3.04 -12.20 3.24
C LEU A 330 4.55 -12.41 3.29
N ALA A 331 5.29 -11.74 2.42
CA ALA A 331 6.75 -11.87 2.45
C ALA A 331 7.31 -11.35 3.77
N GLN A 332 6.90 -10.15 4.19
CA GLN A 332 7.42 -9.58 5.44
C GLN A 332 7.10 -10.47 6.64
N VAL A 333 5.88 -10.99 6.67
CA VAL A 333 5.45 -11.86 7.76
C VAL A 333 6.29 -13.14 7.81
N GLN A 334 6.30 -13.89 6.70
CA GLN A 334 7.02 -15.17 6.67
C GLN A 334 8.52 -14.99 6.84
N THR A 335 9.08 -13.91 6.29
CA THR A 335 10.49 -13.59 6.50
C THR A 335 10.78 -13.42 7.99
N PHE A 336 9.99 -12.60 8.68
CA PHE A 336 10.12 -12.41 10.12
C PHE A 336 10.07 -13.72 10.87
N SER A 337 9.10 -14.57 10.53
CA SER A 337 8.94 -15.85 11.21
C SER A 337 10.13 -16.78 10.97
N LEU A 338 10.76 -16.68 9.80
CA LEU A 338 11.81 -17.63 9.44
C LEU A 338 13.10 -17.37 10.21
N ALA A 339 13.46 -16.08 10.38
CA ALA A 339 14.69 -15.70 11.07
C ALA A 339 14.56 -15.74 12.59
N LEU A 340 13.37 -16.04 13.10
CA LEU A 340 13.07 -16.02 14.52
C LEU A 340 13.34 -17.37 15.17
N SER A 341 13.77 -17.34 16.43
CA SER A 341 14.03 -18.58 17.16
C SER A 341 12.74 -19.36 17.31
N THR A 342 12.90 -20.63 17.67
CA THR A 342 11.72 -21.47 17.90
C THR A 342 10.90 -20.96 19.06
N ARG A 343 11.57 -20.45 20.10
CA ARG A 343 10.86 -19.87 21.23
C ARG A 343 10.06 -18.65 20.81
N GLN A 344 10.69 -17.75 20.04
CA GLN A 344 9.97 -16.56 19.59
C GLN A 344 8.89 -16.92 18.61
N ARG A 345 9.06 -18.05 17.91
CA ARG A 345 8.06 -18.49 16.94
C ARG A 345 6.82 -19.02 17.65
N SER A 346 7.01 -19.63 18.83
CA SER A 346 5.88 -20.04 19.65
C SER A 346 5.14 -18.83 20.22
N VAL A 347 5.85 -17.74 20.49
CA VAL A 347 5.16 -16.51 20.89
C VAL A 347 4.28 -16.02 19.76
N LEU A 348 4.82 -16.00 18.54
CA LEU A 348 4.05 -15.59 17.36
C LEU A 348 2.81 -16.45 17.19
N ALA A 349 3.00 -17.78 17.21
CA ALA A 349 1.88 -18.70 17.11
C ALA A 349 0.85 -18.43 18.19
N THR A 350 1.32 -18.26 19.44
CA THR A 350 0.42 -17.90 20.52
C THR A 350 -0.31 -16.61 20.20
N ALA A 351 0.43 -15.57 19.81
CA ALA A 351 -0.17 -14.31 19.39
C ALA A 351 -1.20 -14.52 18.29
N GLY A 352 -0.91 -15.41 17.34
CA GLY A 352 -1.90 -15.73 16.34
C GLY A 352 -3.16 -16.35 16.92
N ARG A 353 -3.01 -17.31 17.85
CA ARG A 353 -4.16 -17.95 18.47
C ARG A 353 -4.97 -16.98 19.32
N PHE A 354 -4.38 -15.87 19.73
CA PHE A 354 -5.11 -14.82 20.41
C PHE A 354 -5.78 -13.84 19.46
N GLY A 355 -5.51 -13.96 18.16
CA GLY A 355 -6.14 -13.09 17.18
C GLY A 355 -5.43 -11.78 16.92
N VAL A 356 -4.15 -11.66 17.26
CA VAL A 356 -3.42 -10.44 16.97
C VAL A 356 -3.06 -10.37 15.49
N ASN A 357 -2.92 -9.14 14.98
CA ASN A 357 -2.45 -8.96 13.61
C ASN A 357 -0.97 -9.30 13.54
N LEU A 358 -0.64 -10.43 12.91
CA LEU A 358 0.76 -10.87 12.85
C LEU A 358 1.64 -9.91 12.06
N SER A 359 1.13 -9.29 10.98
CA SER A 359 1.95 -8.33 10.23
C SER A 359 2.26 -7.10 11.06
N HIS A 360 1.28 -6.64 11.85
CA HIS A 360 1.55 -5.53 12.75
C HIS A 360 2.52 -5.96 13.85
N ALA A 361 2.37 -7.19 14.35
CA ALA A 361 3.22 -7.68 15.42
C ALA A 361 4.65 -7.86 14.93
N GLY A 362 4.83 -8.46 13.75
CA GLY A 362 6.17 -8.60 13.20
C GLY A 362 6.88 -7.28 13.01
N GLN A 363 6.17 -6.27 12.51
CA GLN A 363 6.77 -4.95 12.27
C GLN A 363 7.18 -4.29 13.58
N VAL A 364 6.31 -4.34 14.60
CA VAL A 364 6.64 -3.72 15.88
C VAL A 364 7.85 -4.39 16.51
N ALA A 365 7.98 -5.71 16.33
CA ALA A 365 9.14 -6.42 16.89
C ALA A 365 10.43 -6.08 16.13
N GLU A 366 10.35 -5.96 14.79
CA GLU A 366 11.52 -5.53 13.99
C GLU A 366 11.97 -4.13 14.38
N LEU A 367 11.04 -3.18 14.45
CA LEU A 367 11.43 -1.83 14.81
C LEU A 367 11.95 -1.78 16.24
N SER A 368 11.27 -2.51 17.15
CA SER A 368 11.78 -2.61 18.51
C SER A 368 13.21 -3.10 18.53
N ARG A 369 13.54 -4.11 17.70
CA ARG A 369 14.90 -4.62 17.69
C ARG A 369 15.88 -3.57 17.16
N GLU A 370 15.50 -2.87 16.08
CA GLU A 370 16.38 -1.87 15.50
C GLU A 370 16.66 -0.73 16.47
N LEU A 371 15.60 -0.23 17.14
CA LEU A 371 15.80 0.81 18.15
C LEU A 371 16.66 0.32 19.30
N PHE A 372 16.46 -0.93 19.73
CA PHE A 372 17.25 -1.48 20.84
C PHE A 372 18.71 -1.57 20.45
N ASP A 373 18.98 -2.03 19.22
CA ASP A 373 20.35 -2.26 18.79
C ASP A 373 21.15 -0.98 18.70
N ARG A 374 20.53 0.10 18.25
CA ARG A 374 21.27 1.34 18.10
C ARG A 374 21.50 2.00 19.45
N LEU A 375 20.54 1.88 20.36
CA LEU A 375 20.77 2.29 21.74
C LEU A 375 21.98 1.59 22.32
N LEU A 376 22.11 0.28 22.06
CA LEU A 376 23.27 -0.46 22.57
C LEU A 376 24.56 0.07 21.97
N ALA A 377 24.55 0.36 20.67
CA ALA A 377 25.76 0.88 20.04
C ALA A 377 26.18 2.23 20.62
N ALA A 378 25.20 3.05 21.00
CA ALA A 378 25.46 4.36 21.57
C ALA A 378 25.87 4.32 23.04
N GLY A 379 25.81 3.16 23.68
CA GLY A 379 26.28 3.02 25.04
C GLY A 379 25.22 2.77 26.11
N GLU A 380 23.97 2.50 25.72
CA GLU A 380 22.97 2.10 26.70
C GLU A 380 23.25 0.69 27.19
N THR A 381 23.26 0.49 28.51
CA THR A 381 23.49 -0.83 29.11
C THR A 381 22.15 -1.55 29.30
N PHE A 382 22.07 -2.81 28.87
CA PHE A 382 20.90 -3.64 29.08
C PHE A 382 21.31 -5.03 29.56
N PRO A 383 20.44 -5.72 30.32
CA PRO A 383 20.74 -7.09 30.74
C PRO A 383 20.67 -8.06 29.57
N PRO A 384 21.17 -9.29 29.73
CA PRO A 384 21.31 -10.22 28.57
C PRO A 384 19.99 -10.64 27.96
N PRO A 385 18.94 -10.93 28.74
CA PRO A 385 17.66 -11.33 28.13
C PRO A 385 16.81 -10.17 27.62
N ALA A 386 17.29 -8.93 27.71
CA ALA A 386 16.47 -7.76 27.40
C ALA A 386 15.96 -7.81 25.97
N ARG A 387 16.83 -8.14 25.01
CA ARG A 387 16.40 -8.21 23.61
C ARG A 387 15.30 -9.26 23.44
N SER A 388 15.48 -10.43 24.06
CA SER A 388 14.46 -11.48 23.97
C SER A 388 13.12 -11.04 24.56
N LEU A 389 13.14 -10.31 25.69
CA LEU A 389 11.88 -9.90 26.31
C LEU A 389 11.19 -8.84 25.48
N LEU A 390 11.96 -7.94 24.87
CA LEU A 390 11.36 -6.91 24.04
C LEU A 390 10.64 -7.53 22.85
N THR A 391 11.25 -8.55 22.24
CA THR A 391 10.66 -9.18 21.06
C THR A 391 9.32 -9.83 21.39
N ALA A 392 9.26 -10.55 22.51
CA ALA A 392 8.05 -11.28 22.84
C ALA A 392 6.92 -10.35 23.25
N ALA A 393 7.22 -9.30 24.01
CA ALA A 393 6.20 -8.31 24.34
C ALA A 393 5.76 -7.54 23.10
N ALA A 394 6.69 -7.28 22.18
CA ALA A 394 6.30 -6.64 20.93
C ALA A 394 5.30 -7.50 20.16
N VAL A 395 5.55 -8.81 20.09
CA VAL A 395 4.64 -9.71 19.38
C VAL A 395 3.27 -9.76 20.06
N LEU A 396 3.23 -9.57 21.39
CA LEU A 396 2.02 -9.75 22.17
C LEU A 396 1.38 -8.45 22.65
N HIS A 397 1.83 -7.29 22.17
CA HIS A 397 1.39 -6.04 22.81
C HIS A 397 -0.11 -5.82 22.66
N GLU A 398 -0.71 -6.30 21.58
CA GLU A 398 -2.15 -6.11 21.33
C GLU A 398 -2.95 -7.40 21.51
N ALA A 399 -2.66 -8.15 22.58
CA ALA A 399 -3.45 -9.33 22.92
C ALA A 399 -4.35 -8.98 24.09
N GLY A 400 -5.65 -8.83 23.82
CA GLY A 400 -6.58 -8.41 24.87
C GLY A 400 -6.73 -9.41 26.01
N GLN A 401 -6.53 -10.70 25.74
CA GLN A 401 -6.61 -11.69 26.81
C GLN A 401 -5.41 -11.67 27.74
N ILE A 402 -4.35 -10.96 27.36
CA ILE A 402 -3.19 -10.74 28.21
C ILE A 402 -2.75 -9.27 28.10
N VAL A 403 -3.70 -8.36 28.36
CA VAL A 403 -3.53 -6.89 28.26
C VAL A 403 -2.25 -6.42 27.58
N ARG A 422 6.28 -20.98 26.70
CA ARG A 422 7.07 -21.97 25.96
C ARG A 422 8.49 -21.46 25.71
N GLY A 423 9.44 -22.01 26.47
CA GLY A 423 10.83 -21.60 26.39
C GLY A 423 11.23 -20.44 27.29
N PHE A 424 10.31 -19.92 28.11
CA PHE A 424 10.59 -18.77 28.98
C PHE A 424 10.30 -19.14 30.43
N GLY A 425 11.23 -18.83 31.33
CA GLY A 425 11.02 -19.04 32.75
C GLY A 425 9.93 -18.14 33.29
N PRO A 426 9.40 -18.47 34.48
CA PRO A 426 8.28 -17.68 35.01
C PRO A 426 8.62 -16.23 35.24
N GLN A 427 9.88 -15.91 35.56
CA GLN A 427 10.28 -14.51 35.69
C GLN A 427 10.17 -13.79 34.34
N ASP A 428 10.74 -14.37 33.29
CA ASP A 428 10.70 -13.73 31.97
C ASP A 428 9.26 -13.47 31.51
N ILE A 429 8.33 -14.34 31.90
CA ILE A 429 6.95 -14.19 31.44
C ILE A 429 6.28 -13.01 32.15
N GLU A 430 6.53 -12.84 33.45
CA GLU A 430 6.04 -11.66 34.14
C GLU A 430 6.70 -10.39 33.60
N LEU A 431 8.00 -10.44 33.33
CA LEU A 431 8.65 -9.31 32.68
C LEU A 431 7.95 -8.97 31.38
N ILE A 432 7.65 -9.99 30.57
CA ILE A 432 7.02 -9.76 29.26
C ILE A 432 5.60 -9.23 29.42
N ALA A 433 4.84 -9.80 30.36
CA ALA A 433 3.50 -9.29 30.61
C ALA A 433 3.52 -7.83 30.98
N GLN A 434 4.43 -7.45 31.88
CA GLN A 434 4.47 -6.08 32.37
C GLN A 434 5.00 -5.12 31.32
N ILE A 435 5.79 -5.62 30.37
CA ILE A 435 6.23 -4.79 29.27
C ILE A 435 5.10 -4.57 28.26
N ALA A 436 4.31 -5.63 28.01
CA ALA A 436 3.24 -5.56 27.02
C ALA A 436 2.07 -4.69 27.47
N ARG A 437 1.85 -4.60 28.77
CA ARG A 437 0.70 -3.89 29.30
C ARG A 437 1.13 -2.70 30.13
N TYR A 438 2.20 -2.00 29.73
CA TYR A 438 2.74 -0.95 30.59
C TYR A 438 1.84 0.29 30.62
N HIS A 439 1.68 0.88 31.81
CA HIS A 439 0.97 2.14 32.01
C HIS A 439 1.54 2.87 33.22
N ARG A 440 1.52 4.22 33.15
CA ARG A 440 1.99 5.04 34.27
C ARG A 440 1.28 4.66 35.56
N LYS A 441 -0.03 4.95 35.64
CA LYS A 441 -0.80 4.57 36.82
C LYS A 441 -1.32 3.16 36.56
N SER A 442 -0.63 2.17 37.15
CA SER A 442 -1.03 0.75 36.97
C SER A 442 -2.50 0.58 37.38
N LEU A 443 -3.28 -0.15 36.59
CA LEU A 443 -4.69 -0.42 36.96
C LEU A 443 -4.71 -1.04 38.36
N PRO A 444 -3.96 -2.13 38.66
CA PRO A 444 -3.89 -2.65 40.01
C PRO A 444 -3.09 -1.63 40.84
N LYS A 445 -3.72 -1.03 41.84
CA LYS A 445 -3.01 -0.06 42.73
C LYS A 445 -1.98 -0.83 43.57
N PRO A 446 -0.81 -0.24 43.89
CA PRO A 446 0.24 -0.96 44.62
C PRO A 446 -0.22 -1.59 45.92
N SER A 447 -1.19 -0.99 46.62
CA SER A 447 -1.63 -1.55 47.89
C SER A 447 -2.73 -2.59 47.74
N HIS A 448 -3.23 -2.82 46.52
CA HIS A 448 -4.35 -3.70 46.21
C HIS A 448 -3.86 -5.12 46.00
N PRO A 449 -4.55 -6.07 46.63
CA PRO A 449 -4.13 -7.49 46.57
C PRO A 449 -3.90 -7.95 45.13
N ASP A 450 -3.00 -8.92 44.99
CA ASP A 450 -2.53 -9.46 43.72
C ASP A 450 -1.68 -8.47 42.93
N TYR A 451 -1.29 -7.34 43.52
CA TYR A 451 -0.37 -6.43 42.85
C TYR A 451 0.99 -7.11 42.68
N VAL A 452 1.52 -7.07 41.46
CA VAL A 452 2.77 -7.72 41.11
C VAL A 452 3.87 -6.68 41.15
N ALA A 453 4.71 -6.75 42.16
CA ALA A 453 5.78 -5.79 42.38
C ALA A 453 7.11 -6.49 42.11
N LEU A 454 7.68 -6.24 40.93
CA LEU A 454 8.94 -6.86 40.56
C LEU A 454 10.09 -6.18 41.29
N ALA A 455 11.17 -6.93 41.55
CA ALA A 455 12.37 -6.36 42.16
C ALA A 455 12.79 -5.08 41.43
N PRO A 456 13.55 -4.19 42.07
CA PRO A 456 13.78 -2.85 41.45
C PRO A 456 14.49 -2.89 40.11
N ALA A 457 15.56 -3.69 39.98
CA ALA A 457 16.24 -3.83 38.70
C ALA A 457 15.28 -4.28 37.61
N ASP A 458 14.27 -5.06 37.97
CA ASP A 458 13.32 -5.52 36.97
C ASP A 458 12.24 -4.48 36.70
N ARG A 459 11.95 -3.60 37.66
CA ARG A 459 11.04 -2.50 37.37
C ARG A 459 11.69 -1.52 36.40
N ALA A 460 12.97 -1.20 36.62
CA ALA A 460 13.70 -0.32 35.70
C ALA A 460 13.80 -0.92 34.31
N LEU A 461 13.91 -2.25 34.21
CA LEU A 461 13.99 -2.87 32.89
C LEU A 461 12.68 -2.73 32.14
N VAL A 462 11.57 -3.07 32.80
CA VAL A 462 10.27 -3.06 32.13
C VAL A 462 9.98 -1.70 31.54
N ALA A 463 10.28 -0.63 32.29
CA ALA A 463 10.00 0.72 31.80
C ALA A 463 10.87 1.08 30.60
N ARG A 464 12.15 0.71 30.64
CA ARG A 464 13.02 1.05 29.52
C ARG A 464 12.61 0.30 28.25
N LEU A 465 12.32 -1.00 28.38
CA LEU A 465 11.90 -1.76 27.21
C LEU A 465 10.53 -1.31 26.72
N ALA A 466 9.66 -0.89 27.63
CA ALA A 466 8.33 -0.43 27.25
C ALA A 466 8.40 0.89 26.51
N GLY A 467 9.41 1.72 26.81
CA GLY A 467 9.60 2.95 26.07
C GLY A 467 10.00 2.69 24.64
N ILE A 468 10.91 1.74 24.42
CA ILE A 468 11.25 1.32 23.06
C ILE A 468 10.02 0.78 22.35
N LEU A 469 9.26 -0.08 23.03
CA LEU A 469 8.07 -0.71 22.45
C LEU A 469 7.03 0.34 22.04
N ARG A 470 6.79 1.33 22.89
CA ARG A 470 5.77 2.31 22.55
C ARG A 470 6.16 3.08 21.29
N VAL A 471 7.44 3.44 21.18
CA VAL A 471 7.93 4.17 20.01
C VAL A 471 7.77 3.33 18.75
N ALA A 472 7.94 2.01 18.86
CA ALA A 472 7.86 1.13 17.70
C ALA A 472 6.40 0.93 17.27
N ASP A 473 5.49 0.74 18.23
CA ASP A 473 4.08 0.66 17.90
C ASP A 473 3.57 1.97 17.32
N GLY A 474 4.17 3.10 17.72
CA GLY A 474 3.86 4.34 17.05
C GLY A 474 4.26 4.33 15.60
N LEU A 475 5.41 3.75 15.28
CA LEU A 475 5.91 3.78 13.91
C LEU A 475 5.13 2.88 12.97
N ASP A 476 4.27 2.00 13.47
CA ASP A 476 3.34 1.27 12.61
C ASP A 476 1.89 1.49 13.08
N ARG A 477 1.57 2.71 13.49
CA ARG A 477 0.18 3.05 13.81
C ARG A 477 -0.74 2.90 12.60
N ALA A 478 -0.21 3.15 11.40
CA ALA A 478 -1.07 3.11 10.18
C ALA A 478 -1.12 1.71 9.55
N HIS A 479 -0.40 0.74 10.13
CA HIS A 479 -0.47 -0.67 9.64
C HIS A 479 0.08 -0.75 8.20
N THR A 480 1.12 0.01 7.89
CA THR A 480 1.74 -0.04 6.57
C THR A 480 2.85 -1.07 6.44
N GLY A 481 3.54 -1.40 7.55
CA GLY A 481 4.70 -2.27 7.49
C GLY A 481 5.92 -1.64 6.85
N LEU A 482 5.90 -0.35 6.56
CA LEU A 482 6.93 0.28 5.75
C LEU A 482 7.88 1.16 6.54
N ALA A 483 7.62 1.43 7.82
CA ALA A 483 8.54 2.23 8.62
C ALA A 483 9.87 1.50 8.80
N ARG A 484 10.96 2.26 8.72
CA ARG A 484 12.31 1.75 8.93
C ARG A 484 13.10 2.78 9.71
N VAL A 485 13.98 2.32 10.61
CA VAL A 485 14.86 3.20 11.36
C VAL A 485 16.13 3.43 10.56
N ASP A 486 16.54 4.69 10.41
CA ASP A 486 17.75 5.00 9.68
C ASP A 486 18.93 5.33 10.58
N ASP A 487 18.69 6.00 11.71
CA ASP A 487 19.77 6.47 12.56
C ASP A 487 19.21 6.88 13.92
N LEU A 488 19.93 6.55 14.98
CA LEU A 488 19.49 6.88 16.34
C LEU A 488 20.71 7.39 17.10
N ARG A 489 20.81 8.72 17.20
CA ARG A 489 21.97 9.41 17.74
C ARG A 489 21.61 10.08 19.07
N ARG A 490 22.60 10.19 19.95
CA ARG A 490 22.44 11.05 21.11
C ARG A 490 22.43 12.51 20.67
N GLN A 491 21.56 13.30 21.30
CA GLN A 491 21.47 14.73 21.02
C GLN A 491 21.43 15.44 22.37
N GLY A 492 22.58 15.93 22.82
CA GLY A 492 22.70 16.55 24.13
C GLY A 492 22.54 15.52 25.23
N GLN A 493 21.51 15.67 26.05
CA GLN A 493 21.13 14.64 27.01
C GLN A 493 19.96 13.80 26.52
N GLY A 494 19.70 13.82 25.21
CA GLY A 494 18.56 13.17 24.61
C GLY A 494 18.97 12.36 23.38
N TRP A 495 18.06 12.27 22.42
CA TRP A 495 18.27 11.39 21.28
C TRP A 495 17.65 12.01 20.04
N GLN A 496 18.08 11.51 18.88
CA GLN A 496 17.55 11.96 17.59
C GLN A 496 17.34 10.72 16.73
N LEU A 497 16.08 10.41 16.44
CA LEU A 497 15.71 9.24 15.63
C LEU A 497 15.41 9.70 14.22
N ARG A 498 16.08 9.10 13.23
CA ARG A 498 15.79 9.29 11.82
C ARG A 498 15.03 8.08 11.29
N VAL A 499 13.96 8.32 10.52
CA VAL A 499 13.02 7.27 10.16
C VAL A 499 12.46 7.55 8.76
N SER A 500 12.18 6.47 8.00
CA SER A 500 11.57 6.59 6.69
C SER A 500 10.39 5.63 6.60
N GLY A 501 9.71 5.63 5.45
CA GLY A 501 8.52 4.82 5.29
C GLY A 501 7.38 5.17 6.21
N VAL A 502 7.39 6.37 6.77
CA VAL A 502 6.49 6.76 7.84
C VAL A 502 5.43 7.73 7.30
N THR A 503 4.15 7.45 7.59
CA THR A 503 3.07 8.37 7.25
C THR A 503 3.04 9.54 8.22
N PRO A 504 2.20 10.56 8.01
CA PRO A 504 2.03 11.57 9.06
C PRO A 504 1.44 10.99 10.33
N LEU A 505 0.59 9.97 10.21
CA LEU A 505 -0.03 9.38 11.39
C LEU A 505 1.00 8.62 12.24
N ASP A 506 1.97 7.96 11.61
CA ASP A 506 3.00 7.28 12.41
C ASP A 506 3.85 8.30 13.17
N LEU A 507 4.25 9.40 12.52
CA LEU A 507 5.03 10.43 13.19
C LEU A 507 4.27 11.05 14.36
N ALA A 508 2.96 11.24 14.20
CA ALA A 508 2.16 11.76 15.31
C ALA A 508 2.07 10.78 16.45
N GLY A 509 2.10 9.47 16.15
CA GLY A 509 1.99 8.48 17.21
C GLY A 509 3.23 8.42 18.09
N VAL A 510 4.40 8.57 17.48
CA VAL A 510 5.65 8.55 18.23
C VAL A 510 5.70 9.73 19.19
N GLY A 511 5.17 10.89 18.77
CA GLY A 511 5.09 12.01 19.68
C GLY A 511 4.17 11.74 20.85
N GLU A 512 3.07 11.02 20.61
CA GLU A 512 2.14 10.72 21.68
C GLU A 512 2.60 9.59 22.59
N LYS A 513 3.49 8.72 22.10
CA LYS A 513 3.89 7.52 22.83
C LYS A 513 5.34 7.54 23.30
N GLY A 514 6.08 8.59 22.98
CA GLY A 514 7.47 8.72 23.34
C GLY A 514 7.73 9.39 24.65
N ASP A 515 6.67 9.74 25.39
CA ASP A 515 6.86 10.37 26.70
C ASP A 515 7.60 9.44 27.65
N LEU A 516 7.31 8.14 27.59
CA LEU A 516 8.02 7.20 28.46
C LEU A 516 9.47 7.07 28.03
N TRP A 517 9.72 7.02 26.72
CA TRP A 517 11.10 7.05 26.23
C TRP A 517 11.83 8.27 26.76
N ALA A 518 11.20 9.45 26.62
CA ALA A 518 11.80 10.69 27.11
C ALA A 518 12.00 10.68 28.62
N ARG A 519 11.16 9.95 29.36
CA ARG A 519 11.33 9.86 30.81
C ARG A 519 12.35 8.82 31.23
N GLU A 520 12.80 7.96 30.32
CA GLU A 520 13.80 6.93 30.62
C GLU A 520 15.13 7.15 29.92
N PHE A 521 15.11 7.70 28.70
CA PHE A 521 16.27 7.85 27.85
C PHE A 521 16.65 9.29 27.56
N GLY A 522 15.77 10.25 27.84
CA GLY A 522 15.98 11.61 27.45
C GLY A 522 15.07 11.97 26.30
N PRO A 523 14.88 13.28 26.06
CA PRO A 523 13.97 13.71 24.99
C PRO A 523 14.38 13.13 23.64
N LEU A 524 13.36 12.88 22.80
CA LEU A 524 13.55 12.22 21.50
C LEU A 524 12.92 13.07 20.41
N SER A 525 13.73 13.50 19.43
CA SER A 525 13.20 14.14 18.24
C SER A 525 13.22 13.16 17.07
N VAL A 526 12.16 13.17 16.29
CA VAL A 526 12.03 12.32 15.11
C VAL A 526 12.21 13.20 13.89
N GLN A 527 12.72 12.60 12.80
CA GLN A 527 12.93 13.33 11.56
C GLN A 527 12.58 12.47 10.36
N ASN A 528 12.06 13.13 9.31
CA ASN A 528 11.77 12.55 8.01
C ASN A 528 10.65 11.52 8.11
O01 UG3 B . -4.56 6.72 -8.52
O03 UG3 B . -4.08 7.29 -10.88
O04 UG3 B . -2.21 6.82 -9.29
O05 UG3 B . -3.70 4.79 -10.09
O07 UG3 B . -4.39 3.38 -8.16
O08 UG3 B . -3.64 2.33 -10.44
O09 UG3 B . -6.02 3.10 -10.09
O11 UG3 B . -6.86 5.47 -10.21
O12 UG3 B . -8.40 3.49 -9.49
O13 UG3 B . -8.06 4.07 -11.88
O15 UG3 B . -8.05 1.59 -12.33
O16 UG3 B . -8.12 3.34 -14.29
O17 UG3 B . -10.16 2.60 -13.11
O19 UG3 B . -11.97 0.77 -13.85
O20 UG3 B . -12.56 2.36 -11.99
O21 UG3 B . -10.90 0.54 -11.62
P02 UG3 B . -3.62 6.46 -9.69
P06 UG3 B . -4.40 3.36 -9.67
P10 UG3 B . -7.35 4.07 -10.37
P14 UG3 B . -8.56 2.86 -12.93
P18 UG3 B . -11.45 1.53 -12.64
S SO4 C . 15.64 -15.46 21.56
O1 SO4 C . 14.91 -14.22 21.81
O2 SO4 C . 14.77 -16.61 21.79
O3 SO4 C . 16.11 -15.41 20.18
O4 SO4 C . 16.80 -15.53 22.46
S SO4 D . -31.63 3.38 -27.52
O1 SO4 D . -31.51 3.30 -26.07
O2 SO4 D . -32.98 3.11 -27.94
O3 SO4 D . -31.23 4.71 -27.97
O4 SO4 D . -30.72 2.39 -28.11
S SO4 E . -5.55 -13.41 -27.00
O1 SO4 E . -6.76 -13.43 -26.19
O2 SO4 E . -5.70 -14.30 -28.15
O3 SO4 E . -5.33 -12.05 -27.46
O4 SO4 E . -4.42 -13.84 -26.18
S SO4 F . 16.89 -16.23 28.99
O1 SO4 F . 16.45 -15.10 29.80
O2 SO4 F . 16.16 -17.43 29.39
O3 SO4 F . 16.64 -15.95 27.58
O4 SO4 F . 18.32 -16.46 29.22
S SO4 G . -4.82 5.51 18.03
O1 SO4 G . -5.54 6.74 17.66
O2 SO4 G . -5.78 4.55 18.56
O3 SO4 G . -4.15 4.90 16.88
O4 SO4 G . -3.84 5.86 19.04
S SO4 H . -12.80 -6.29 -8.68
O1 SO4 H . -14.00 -6.83 -8.07
O2 SO4 H . -13.09 -5.67 -9.94
O3 SO4 H . -11.88 -7.38 -8.89
O4 SO4 H . -12.21 -5.28 -7.81
MG MG I . 0.22 -1.98 18.16
#